data_9WJH
#
_entry.id   9WJH
#
_cell.length_a   1.00
_cell.length_b   1.00
_cell.length_c   1.00
_cell.angle_alpha   90.00
_cell.angle_beta   90.00
_cell.angle_gamma   90.00
#
_symmetry.space_group_name_H-M   'P 1'
#
loop_
_entity.id
_entity.type
_entity.pdbx_description
1 polymer 'Maltose/maltodextrin-binding periplasmic protein,Vesicular acetylcholine transporter,DARPins'
2 non-polymer "(6-bromanylpyridin-3-yl)-[1'-[(~{E})-3-(4-chlorophenyl)prop-2-enyl]-5-fluoranyl-spiro[2~{H}-indole-3,4'-piperidine]-1-yl]methanone"
3 water water
#
_entity_poly.entity_id   1
_entity_poly.type   'polypeptide(L)'
_entity_poly.pdbx_seq_one_letter_code
;MEEGKLVIWINGDKGYNGLAEVGKKFEKDTGIKVTVEHPDKLEEKFPQVAATGDGPDIIFWAHDRFGGYAQSGLLAEITP
DKAFQDKLYPFTWDAVRYNGKLIAYPIAVEALSLIYNKDLLPNPPKTWEEIPALDKELKAKGKSALMFNLQEPYFTWPLI
AADGGYAFKYENGKYDIKDVGVDNAGAKAGLTFLIDLIKNKHMNADTDYSIAEAAFNKGETAMTINGPWAWSNIDTSKVN
YGVTVLPTFKGQPSKPFVGVLSAGINAASPNKELAKEFLENYLLTDEGLEAVNKDKPLGAVALKSYEEELVKDPRVAATM
ENAQKGEIMPNIPQMSAFWYAVRTAVINAASGRQTVDAALAAAQAEEEKRKAEEEKRKLVLVIVCVALLLDNMLYMVIVP
IVPDYIAHMRGGGEGPTRTPEVWEPTLPLPTPANASAYTANTSASPTAAWPAGSALRPRYPTESEDVKIGVLFASKAILQ
LLVNPLSGPFIDRMSYDVPLLIGLGVMFASTVLFAFAEDYATLFAARSLQGLGSAFADTSGIAMIADKYPEEPERSRALG
VALAFISFGSLVAPPFGGILYEFAGKRVPFLVLAAVSLFDALLLLAVAKPFSAAARARANLPVGTPIHRLMLDPYIAVVA
GALTTCNIPLAFLEPTIATWMKHTMAASEWEMGMAWLPAFVPHVLGVYLTVRLAARYPHLQWLYGALGLAVIGASSCIVP
ACRSFAPLVVSLCGLCFGIALVDTALLPTLAFLVDVRHVSVYGSVYAIADISYSVAYALGPIVAGHIVHSLGFEQLSLGM
GLANLLYAPVLLLLRNVGLLTRSRSERDVLLDEPPQGLYDAVRLRERPVSGQDGEPRSPPGPFDECEDDGGGGSGGGGSD
LGRKLLEAARAGQLDEVRILLANGADVNAADNTGTTPLHLAAYSGHLEIVEVLLKHGADVDASDVFGYTPLHLAAYWGHL
EIVEVLLKNGADVNAMDSDGMTPLHLAAKWGYLEIVEVLLKHGADVNAQDKFGKTAFDISIDNGNEDLAEILQKLNLEGG
SLEVLFQ
;
_entity_poly.pdbx_strand_id   A
#
# COMPACT_ATOMS: atom_id res chain seq x y z
N ALA A 365 -24.33 -1.17 34.57
CA ALA A 365 -23.87 0.14 34.14
C ALA A 365 -22.43 0.05 33.67
N GLU A 366 -21.79 -1.09 33.94
CA GLU A 366 -20.43 -1.34 33.47
C GLU A 366 -20.43 -1.98 32.09
N GLU A 367 -21.32 -2.94 31.86
CA GLU A 367 -21.45 -3.55 30.55
C GLU A 367 -22.01 -2.57 29.53
N GLU A 368 -22.82 -1.61 29.98
CA GLU A 368 -23.37 -0.58 29.10
C GLU A 368 -22.28 0.35 28.59
N LYS A 369 -21.41 0.82 29.49
CA LYS A 369 -20.27 1.63 29.09
C LYS A 369 -19.28 0.81 28.26
N ARG A 370 -19.15 -0.50 28.54
CA ARG A 370 -18.26 -1.34 27.75
C ARG A 370 -18.76 -1.50 26.32
N LYS A 371 -20.07 -1.69 26.15
CA LYS A 371 -20.66 -1.75 24.82
C LYS A 371 -20.57 -0.41 24.11
N ALA A 372 -20.69 0.69 24.84
CA ALA A 372 -20.50 2.00 24.23
C ALA A 372 -19.06 2.20 23.74
N GLU A 373 -18.09 1.69 24.50
CA GLU A 373 -16.70 1.78 24.06
C GLU A 373 -16.42 0.88 22.86
N GLU A 374 -17.05 -0.30 22.82
CA GLU A 374 -16.87 -1.18 21.66
C GLU A 374 -17.49 -0.58 20.41
N GLU A 375 -18.65 0.06 20.55
CA GLU A 375 -19.25 0.79 19.44
C GLU A 375 -18.37 1.96 18.99
N LYS A 376 -17.77 2.67 19.95
CA LYS A 376 -16.93 3.80 19.60
C LYS A 376 -15.62 3.37 18.95
N ARG A 377 -15.17 2.14 19.20
CA ARG A 377 -14.00 1.64 18.48
C ARG A 377 -14.36 1.17 17.08
N LYS A 378 -15.50 0.49 16.92
CA LYS A 378 -15.89 -0.01 15.60
C LYS A 378 -16.23 1.12 14.64
N LEU A 379 -16.91 2.16 15.14
CA LEU A 379 -17.28 3.29 14.27
C LEU A 379 -16.08 4.15 13.89
N VAL A 380 -14.93 3.99 14.52
CA VAL A 380 -13.72 4.62 14.06
C VAL A 380 -12.96 3.73 13.09
N LEU A 381 -12.96 2.41 13.35
CA LEU A 381 -12.28 1.48 12.45
C LEU A 381 -12.90 1.45 11.06
N VAL A 382 -14.24 1.46 10.97
CA VAL A 382 -14.93 1.42 9.68
C VAL A 382 -14.65 2.70 8.89
N ILE A 383 -14.62 3.84 9.56
CA ILE A 383 -14.36 5.12 8.91
C ILE A 383 -12.91 5.20 8.42
N VAL A 384 -11.96 4.69 9.20
CA VAL A 384 -10.56 4.66 8.75
C VAL A 384 -10.38 3.74 7.55
N CYS A 385 -11.09 2.60 7.53
CA CYS A 385 -10.98 1.69 6.39
C CYS A 385 -11.61 2.28 5.12
N VAL A 386 -12.73 3.00 5.26
CA VAL A 386 -13.34 3.65 4.09
C VAL A 386 -12.45 4.79 3.58
N ALA A 387 -11.76 5.51 4.48
CA ALA A 387 -10.83 6.54 4.05
C ALA A 387 -9.64 5.94 3.29
N LEU A 388 -9.14 4.79 3.75
CA LEU A 388 -8.03 4.13 3.03
C LEU A 388 -8.48 3.60 1.68
N LEU A 389 -9.73 3.11 1.60
CA LEU A 389 -10.29 2.67 0.32
C LEU A 389 -10.37 3.82 -0.67
N LEU A 390 -10.88 4.98 -0.24
CA LEU A 390 -10.97 6.13 -1.14
C LEU A 390 -9.60 6.65 -1.53
N ASP A 391 -8.63 6.57 -0.62
CA ASP A 391 -7.29 7.05 -0.93
C ASP A 391 -6.63 6.20 -2.01
N ASN A 392 -6.70 4.86 -1.87
CA ASN A 392 -6.13 4.00 -2.90
C ASN A 392 -6.93 4.03 -4.19
N MET A 393 -8.25 4.29 -4.11
CA MET A 393 -9.05 4.62 -5.28
C MET A 393 -8.46 5.79 -6.05
N LEU A 394 -8.09 6.86 -5.35
CA LEU A 394 -7.47 8.01 -6.00
C LEU A 394 -6.12 7.64 -6.63
N TYR A 395 -5.28 6.91 -5.88
CA TYR A 395 -3.93 6.61 -6.36
C TYR A 395 -3.96 5.69 -7.59
N MET A 396 -4.99 4.85 -7.70
CA MET A 396 -5.02 3.93 -8.82
C MET A 396 -5.84 4.47 -10.00
N VAL A 397 -6.72 5.45 -9.75
CA VAL A 397 -7.46 6.04 -10.86
C VAL A 397 -6.60 7.05 -11.61
N ILE A 398 -5.78 7.83 -10.89
CA ILE A 398 -5.14 8.96 -11.57
C ILE A 398 -3.95 8.54 -12.45
N VAL A 399 -3.57 7.27 -12.48
CA VAL A 399 -2.37 6.87 -13.23
C VAL A 399 -2.57 6.87 -14.75
N PRO A 400 -3.66 6.31 -15.34
CA PRO A 400 -3.79 6.46 -16.80
C PRO A 400 -4.18 7.86 -17.24
N ILE A 401 -4.67 8.69 -16.34
CA ILE A 401 -5.24 9.98 -16.74
C ILE A 401 -4.17 11.01 -17.04
N VAL A 402 -3.02 10.96 -16.33
CA VAL A 402 -1.99 12.00 -16.47
C VAL A 402 -1.36 12.11 -17.86
N PRO A 403 -0.95 11.01 -18.54
CA PRO A 403 -0.37 11.21 -19.89
C PRO A 403 -1.35 11.66 -20.95
N ASP A 404 -2.66 11.69 -20.67
CA ASP A 404 -3.62 12.24 -21.63
C ASP A 404 -3.43 13.75 -21.78
N TYR A 405 -3.07 14.44 -20.71
CA TYR A 405 -2.94 15.90 -20.76
C TYR A 405 -1.50 16.33 -20.59
N ARG A 457 -12.49 0.98 -24.07
CA ARG A 457 -13.17 1.55 -22.92
C ARG A 457 -12.36 1.52 -21.59
N PRO A 458 -11.68 0.42 -21.22
CA PRO A 458 -10.74 0.53 -20.09
C PRO A 458 -9.45 1.16 -20.56
N ARG A 459 -8.57 1.43 -19.59
CA ARG A 459 -7.29 2.08 -19.88
C ARG A 459 -6.15 1.29 -19.27
N TYR A 460 -5.18 0.93 -20.10
CA TYR A 460 -3.90 0.45 -19.64
C TYR A 460 -3.19 1.55 -18.84
N PRO A 461 -2.38 1.16 -17.84
CA PRO A 461 -1.82 2.16 -16.91
C PRO A 461 -0.89 3.21 -17.50
N THR A 462 0.18 2.80 -18.18
CA THR A 462 1.25 3.74 -18.53
C THR A 462 1.39 3.91 -20.03
N GLU A 463 1.74 5.13 -20.44
CA GLU A 463 1.98 5.49 -21.83
C GLU A 463 2.91 6.70 -21.83
N SER A 464 3.80 6.76 -22.83
CA SER A 464 4.83 7.78 -23.00
C SER A 464 5.77 7.82 -21.79
N GLU A 465 6.38 6.67 -21.52
CA GLU A 465 7.33 6.51 -20.43
C GLU A 465 8.64 7.16 -20.83
N ASP A 466 8.92 8.34 -20.27
CA ASP A 466 10.13 9.08 -20.58
C ASP A 466 10.64 9.68 -19.26
N VAL A 467 11.72 10.46 -19.35
CA VAL A 467 12.36 10.98 -18.16
C VAL A 467 11.56 12.14 -17.55
N LYS A 468 10.71 12.80 -18.32
CA LYS A 468 10.01 13.98 -17.84
C LYS A 468 8.61 13.68 -17.31
N ILE A 469 8.13 12.45 -17.46
CA ILE A 469 6.83 12.07 -16.93
C ILE A 469 6.94 11.03 -15.82
N GLY A 470 7.94 10.15 -15.88
CA GLY A 470 8.15 9.19 -14.81
C GLY A 470 8.57 9.83 -13.50
N VAL A 471 9.28 10.96 -13.57
CA VAL A 471 9.61 11.71 -12.36
C VAL A 471 8.34 12.33 -11.76
N LEU A 472 7.34 12.66 -12.59
CA LEU A 472 6.07 13.13 -12.06
C LEU A 472 5.28 11.98 -11.46
N PHE A 473 5.39 10.77 -12.00
CA PHE A 473 4.74 9.64 -11.36
C PHE A 473 5.42 9.25 -10.06
N ALA A 474 6.72 9.47 -9.94
CA ALA A 474 7.44 9.15 -8.71
C ALA A 474 7.54 10.33 -7.75
N SER A 475 6.96 11.48 -8.10
CA SER A 475 6.99 12.64 -7.22
C SER A 475 6.28 12.38 -5.89
N LYS A 476 5.18 11.61 -5.92
CA LYS A 476 4.46 11.25 -4.71
C LYS A 476 5.34 10.46 -3.75
N ALA A 477 6.00 9.42 -4.27
CA ALA A 477 6.81 8.57 -3.42
C ALA A 477 8.06 9.28 -2.95
N ILE A 478 8.67 10.12 -3.80
CA ILE A 478 9.89 10.80 -3.36
C ILE A 478 9.55 11.89 -2.34
N LEU A 479 8.35 12.48 -2.42
CA LEU A 479 8.00 13.49 -1.43
C LEU A 479 7.62 12.84 -0.10
N GLN A 480 6.94 11.69 -0.11
CA GLN A 480 6.67 11.06 1.18
C GLN A 480 7.93 10.42 1.76
N LEU A 481 8.88 10.00 0.91
CA LEU A 481 10.18 9.54 1.38
C LEU A 481 10.99 10.68 2.00
N LEU A 482 10.79 11.90 1.53
CA LEU A 482 11.45 13.04 2.17
C LEU A 482 10.70 13.55 3.40
N VAL A 483 9.39 13.34 3.49
CA VAL A 483 8.61 13.89 4.61
C VAL A 483 8.59 12.97 5.83
N ASN A 484 8.43 11.66 5.63
CA ASN A 484 8.23 10.71 6.75
C ASN A 484 9.27 10.71 7.88
N PRO A 485 10.59 10.90 7.67
CA PRO A 485 11.49 11.03 8.84
C PRO A 485 11.23 12.25 9.71
N LEU A 486 10.56 13.28 9.18
CA LEU A 486 10.14 14.38 10.02
C LEU A 486 8.71 14.20 10.52
N SER A 487 7.89 13.49 9.76
CA SER A 487 6.50 13.25 10.13
C SER A 487 6.32 12.11 11.12
N GLY A 488 7.40 11.43 11.51
CA GLY A 488 7.37 10.51 12.62
C GLY A 488 7.10 11.13 13.98
N PRO A 489 8.00 12.00 14.45
CA PRO A 489 7.81 12.62 15.78
C PRO A 489 6.60 13.53 15.90
N PHE A 490 6.05 14.04 14.79
CA PHE A 490 4.79 14.78 14.88
C PHE A 490 3.65 13.86 15.29
N ILE A 491 3.71 12.59 14.92
CA ILE A 491 2.71 11.63 15.37
C ILE A 491 3.08 11.08 16.76
N ASP A 492 4.37 11.04 17.10
CA ASP A 492 4.77 10.57 18.43
C ASP A 492 4.36 11.55 19.52
N ARG A 493 4.66 12.84 19.35
CA ARG A 493 4.30 13.84 20.35
C ARG A 493 2.79 14.05 20.41
N MET A 494 2.16 14.30 19.27
CA MET A 494 0.74 14.57 19.24
C MET A 494 -0.03 13.25 19.24
N SER A 495 -1.34 13.34 19.03
CA SER A 495 -2.22 12.17 18.99
C SER A 495 -2.22 11.61 17.56
N TYR A 496 -3.20 10.78 17.24
CA TYR A 496 -3.36 10.27 15.88
C TYR A 496 -4.51 10.94 15.14
N ASP A 497 -5.51 11.45 15.88
CA ASP A 497 -6.65 12.14 15.29
C ASP A 497 -6.24 13.39 14.53
N VAL A 498 -5.33 14.17 15.10
CA VAL A 498 -4.89 15.41 14.48
C VAL A 498 -4.10 15.16 13.19
N PRO A 499 -3.10 14.25 13.12
CA PRO A 499 -2.49 14.01 11.81
C PRO A 499 -3.41 13.29 10.83
N LEU A 500 -4.39 12.51 11.31
CA LEU A 500 -5.33 11.88 10.39
C LEU A 500 -6.24 12.92 9.74
N LEU A 501 -6.69 13.91 10.52
CA LEU A 501 -7.48 15.00 9.94
C LEU A 501 -6.65 15.88 9.02
N ILE A 502 -5.37 16.13 9.36
CA ILE A 502 -4.51 16.92 8.48
C ILE A 502 -4.27 16.19 7.16
N GLY A 503 -4.07 14.87 7.22
CA GLY A 503 -3.89 14.08 6.01
C GLY A 503 -5.12 14.05 5.13
N LEU A 504 -6.31 13.89 5.75
CA LEU A 504 -7.54 13.91 4.96
C LEU A 504 -7.84 15.29 4.38
N GLY A 505 -7.46 16.36 5.09
CA GLY A 505 -7.68 17.70 4.56
C GLY A 505 -6.82 18.00 3.35
N VAL A 506 -5.52 17.69 3.42
CA VAL A 506 -4.68 17.93 2.26
C VAL A 506 -4.95 16.93 1.15
N MET A 507 -5.49 15.75 1.47
CA MET A 507 -5.91 14.82 0.43
C MET A 507 -7.14 15.35 -0.31
N PHE A 508 -8.07 15.98 0.41
CA PHE A 508 -9.19 16.67 -0.24
C PHE A 508 -8.73 17.81 -1.12
N ALA A 509 -7.74 18.58 -0.66
CA ALA A 509 -7.20 19.67 -1.47
C ALA A 509 -6.56 19.15 -2.75
N SER A 510 -5.80 18.05 -2.65
CA SER A 510 -5.21 17.44 -3.84
C SER A 510 -6.28 16.88 -4.78
N THR A 511 -7.35 16.30 -4.22
CA THR A 511 -8.36 15.66 -5.04
C THR A 511 -9.18 16.69 -5.82
N VAL A 512 -9.50 17.83 -5.21
CA VAL A 512 -10.13 18.88 -6.02
C VAL A 512 -9.12 19.57 -6.92
N LEU A 513 -7.82 19.50 -6.60
CA LEU A 513 -6.82 20.10 -7.49
C LEU A 513 -6.67 19.31 -8.78
N PHE A 514 -6.82 17.98 -8.72
CA PHE A 514 -6.83 17.18 -9.95
C PHE A 514 -8.00 17.54 -10.86
N ALA A 515 -9.17 17.79 -10.27
CA ALA A 515 -10.31 18.17 -11.09
C ALA A 515 -10.20 19.58 -11.62
N PHE A 516 -9.54 20.48 -10.87
CA PHE A 516 -9.59 21.89 -11.22
C PHE A 516 -8.64 22.26 -12.36
N ALA A 517 -7.54 21.55 -12.56
CA ALA A 517 -6.49 22.02 -13.44
C ALA A 517 -6.10 20.96 -14.46
N GLU A 518 -5.38 21.40 -15.51
CA GLU A 518 -4.99 20.53 -16.61
C GLU A 518 -3.59 20.80 -17.13
N ASP A 519 -2.76 21.57 -16.43
CA ASP A 519 -1.41 21.88 -16.89
C ASP A 519 -0.46 20.74 -16.57
N TYR A 520 0.85 21.00 -16.71
CA TYR A 520 1.87 20.04 -16.28
C TYR A 520 2.27 20.26 -14.84
N ALA A 521 2.64 21.50 -14.48
CA ALA A 521 3.10 21.80 -13.13
C ALA A 521 1.97 21.69 -12.12
N THR A 522 0.73 21.97 -12.54
CA THR A 522 -0.40 21.83 -11.63
C THR A 522 -0.68 20.36 -11.34
N LEU A 523 -0.57 19.50 -12.35
CA LEU A 523 -0.66 18.06 -12.11
C LEU A 523 0.51 17.55 -11.28
N PHE A 524 1.68 18.18 -11.41
CA PHE A 524 2.82 17.86 -10.56
C PHE A 524 2.54 18.21 -9.10
N ALA A 525 1.95 19.39 -8.87
CA ALA A 525 1.58 19.79 -7.51
C ALA A 525 0.48 18.89 -6.95
N ALA A 526 -0.47 18.49 -7.80
CA ALA A 526 -1.54 17.62 -7.34
C ALA A 526 -1.04 16.22 -7.02
N ARG A 527 -0.01 15.75 -7.73
CA ARG A 527 0.58 14.46 -7.40
C ARG A 527 1.48 14.54 -6.18
N SER A 528 2.14 15.68 -5.95
CA SER A 528 2.99 15.82 -4.77
C SER A 528 2.18 16.00 -3.49
N LEU A 529 1.03 16.66 -3.57
CA LEU A 529 0.18 16.78 -2.39
C LEU A 529 -0.43 15.44 -1.98
N GLN A 530 -0.52 14.47 -2.90
CA GLN A 530 -0.90 13.13 -2.49
C GLN A 530 0.18 12.46 -1.64
N GLY A 531 1.45 12.73 -1.92
CA GLY A 531 2.51 12.22 -1.06
C GLY A 531 2.50 12.89 0.30
N LEU A 532 2.26 14.21 0.30
CA LEU A 532 2.08 14.95 1.56
C LEU A 532 0.90 14.42 2.36
N GLY A 533 -0.17 14.00 1.69
CA GLY A 533 -1.32 13.42 2.36
C GLY A 533 -1.10 12.02 2.87
N SER A 534 -0.40 11.20 2.08
CA SER A 534 -0.12 9.82 2.47
C SER A 534 0.77 9.78 3.70
N ALA A 535 1.84 10.60 3.70
CA ALA A 535 2.85 10.59 4.75
C ALA A 535 2.32 10.99 6.12
N PHE A 536 1.11 11.52 6.21
CA PHE A 536 0.42 11.67 7.48
C PHE A 536 -0.70 10.64 7.66
N ALA A 537 -1.60 10.55 6.67
CA ALA A 537 -2.86 9.82 6.87
C ALA A 537 -2.65 8.33 6.95
N ASP A 538 -1.75 7.77 6.13
CA ASP A 538 -1.61 6.31 6.07
C ASP A 538 -0.95 5.77 7.33
N THR A 539 0.15 6.38 7.74
CA THR A 539 0.81 6.00 8.98
C THR A 539 -0.03 6.31 10.21
N SER A 540 -0.85 7.37 10.18
CA SER A 540 -1.72 7.63 11.33
C SER A 540 -2.86 6.64 11.41
N GLY A 541 -3.37 6.17 10.27
CA GLY A 541 -4.41 5.14 10.30
C GLY A 541 -3.89 3.81 10.81
N ILE A 542 -2.72 3.38 10.34
CA ILE A 542 -2.19 2.11 10.84
C ILE A 542 -1.75 2.23 12.30
N ALA A 543 -1.30 3.41 12.74
CA ALA A 543 -0.96 3.59 14.14
C ALA A 543 -2.20 3.61 15.04
N MET A 544 -3.31 4.15 14.55
CA MET A 544 -4.55 4.13 15.33
C MET A 544 -5.11 2.73 15.44
N ILE A 545 -5.02 1.95 14.35
CA ILE A 545 -5.47 0.56 14.39
C ILE A 545 -4.60 -0.27 15.32
N ALA A 546 -3.29 -0.02 15.34
CA ALA A 546 -2.42 -0.74 16.27
C ALA A 546 -2.50 -0.21 17.70
N ASP A 547 -3.05 0.99 17.90
CA ASP A 547 -3.20 1.51 19.27
C ASP A 547 -4.48 1.01 19.91
N LYS A 548 -5.61 1.08 19.20
CA LYS A 548 -6.88 0.75 19.83
C LYS A 548 -7.09 -0.74 20.04
N TYR A 549 -6.19 -1.61 19.57
CA TYR A 549 -6.28 -3.05 19.77
C TYR A 549 -4.99 -3.53 20.42
N PRO A 550 -4.88 -3.44 21.75
CA PRO A 550 -3.63 -3.85 22.41
C PRO A 550 -3.45 -5.36 22.46
N GLU A 551 -4.53 -6.12 22.55
CA GLU A 551 -4.42 -7.57 22.62
C GLU A 551 -3.99 -8.15 21.27
N GLU A 552 -3.58 -9.41 21.30
CA GLU A 552 -2.93 -10.03 20.14
C GLU A 552 -3.87 -10.46 19.00
N PRO A 553 -4.99 -11.19 19.21
CA PRO A 553 -5.77 -11.62 18.03
C PRO A 553 -6.57 -10.50 17.38
N GLU A 554 -7.09 -9.56 18.18
CA GLU A 554 -7.88 -8.46 17.62
C GLU A 554 -7.03 -7.51 16.80
N ARG A 555 -5.74 -7.39 17.15
CA ARG A 555 -4.80 -6.59 16.36
C ARG A 555 -4.64 -7.16 14.96
N SER A 556 -4.43 -8.47 14.85
CA SER A 556 -4.29 -9.12 13.55
C SER A 556 -5.62 -9.13 12.79
N ARG A 557 -6.75 -9.21 13.48
CA ARG A 557 -8.03 -9.18 12.79
C ARG A 557 -8.33 -7.80 12.22
N ALA A 558 -8.04 -6.74 12.97
CA ALA A 558 -8.23 -5.38 12.45
C ALA A 558 -7.24 -5.07 11.33
N LEU A 559 -6.00 -5.57 11.44
CA LEU A 559 -5.04 -5.50 10.34
C LEU A 559 -5.55 -6.21 9.09
N GLY A 560 -6.20 -7.36 9.27
CA GLY A 560 -6.73 -8.08 8.12
C GLY A 560 -7.87 -7.35 7.43
N VAL A 561 -8.76 -6.74 8.21
CA VAL A 561 -9.87 -5.98 7.62
C VAL A 561 -9.34 -4.72 6.91
N ALA A 562 -8.33 -4.08 7.49
CA ALA A 562 -7.73 -2.90 6.87
C ALA A 562 -7.03 -3.26 5.55
N LEU A 563 -6.29 -4.37 5.53
CA LEU A 563 -5.65 -4.81 4.29
C LEU A 563 -6.67 -5.27 3.25
N ALA A 564 -7.81 -5.81 3.68
CA ALA A 564 -8.86 -6.17 2.73
C ALA A 564 -9.45 -4.94 2.06
N PHE A 565 -9.74 -3.89 2.83
CA PHE A 565 -10.26 -2.66 2.23
C PHE A 565 -9.23 -1.97 1.33
N ILE A 566 -7.95 -1.98 1.73
CA ILE A 566 -6.91 -1.38 0.89
C ILE A 566 -6.72 -2.15 -0.40
N SER A 567 -6.78 -3.49 -0.33
CA SER A 567 -6.63 -4.31 -1.54
C SER A 567 -7.83 -4.15 -2.47
N PHE A 568 -9.03 -3.97 -1.91
CA PHE A 568 -10.20 -3.63 -2.71
C PHE A 568 -9.99 -2.34 -3.47
N GLY A 569 -9.72 -1.26 -2.73
CA GLY A 569 -9.56 0.06 -3.32
C GLY A 569 -8.35 0.23 -4.20
N SER A 570 -7.40 -0.70 -4.16
CA SER A 570 -6.25 -0.63 -5.05
C SER A 570 -6.25 -1.67 -6.16
N LEU A 571 -7.13 -2.67 -6.13
CA LEU A 571 -7.16 -3.67 -7.19
C LEU A 571 -8.41 -3.60 -8.06
N VAL A 572 -9.61 -3.43 -7.47
CA VAL A 572 -10.81 -3.45 -8.32
C VAL A 572 -11.21 -2.06 -8.78
N ALA A 573 -10.47 -1.03 -8.41
CA ALA A 573 -10.76 0.36 -8.75
C ALA A 573 -10.35 0.85 -10.14
N PRO A 574 -9.18 0.51 -10.72
CA PRO A 574 -8.83 1.08 -12.06
C PRO A 574 -9.75 0.63 -13.21
N PRO A 575 -10.15 -0.64 -13.38
CA PRO A 575 -10.97 -0.96 -14.57
C PRO A 575 -12.37 -0.38 -14.55
N PHE A 576 -12.86 0.10 -13.41
CA PHE A 576 -14.10 0.85 -13.37
C PHE A 576 -13.87 2.36 -13.39
N GLY A 577 -12.77 2.82 -12.78
CA GLY A 577 -12.45 4.23 -12.83
C GLY A 577 -12.15 4.73 -14.23
N GLY A 578 -11.49 3.88 -15.03
CA GLY A 578 -11.23 4.25 -16.42
C GLY A 578 -12.50 4.33 -17.26
N ILE A 579 -13.40 3.36 -17.10
CA ILE A 579 -14.59 3.34 -17.93
C ILE A 579 -15.64 4.34 -17.45
N LEU A 580 -15.55 4.83 -16.21
CA LEU A 580 -16.34 5.98 -15.82
C LEU A 580 -15.63 7.30 -16.09
N TYR A 581 -14.32 7.27 -16.36
CA TYR A 581 -13.62 8.45 -16.82
C TYR A 581 -13.83 8.71 -18.30
N GLU A 582 -14.02 7.66 -19.11
CA GLU A 582 -14.19 7.83 -20.55
C GLU A 582 -15.49 8.56 -20.89
N PHE A 583 -16.55 8.31 -20.12
CA PHE A 583 -17.86 8.83 -20.50
C PHE A 583 -18.04 10.29 -20.08
N ALA A 584 -18.00 10.55 -18.78
CA ALA A 584 -18.41 11.86 -18.28
C ALA A 584 -17.32 12.90 -18.46
N GLY A 585 -16.07 12.53 -18.22
CA GLY A 585 -14.95 13.45 -18.25
C GLY A 585 -14.21 13.42 -16.94
N LYS A 586 -13.28 14.36 -16.80
CA LYS A 586 -12.47 14.40 -15.58
C LYS A 586 -13.23 15.00 -14.40
N ARG A 587 -13.95 16.11 -14.64
CA ARG A 587 -14.33 17.04 -13.58
C ARG A 587 -15.36 16.43 -12.62
N VAL A 588 -16.46 15.92 -13.17
CA VAL A 588 -17.60 15.48 -12.33
C VAL A 588 -17.26 14.30 -11.41
N PRO A 589 -16.60 13.21 -11.86
CA PRO A 589 -16.34 12.12 -10.90
C PRO A 589 -15.35 12.48 -9.81
N PHE A 590 -14.33 13.29 -10.10
CA PHE A 590 -13.42 13.69 -9.04
C PHE A 590 -14.06 14.68 -8.09
N LEU A 591 -15.01 15.51 -8.56
CA LEU A 591 -15.73 16.37 -7.63
C LEU A 591 -16.61 15.58 -6.68
N VAL A 592 -17.35 14.59 -7.20
CA VAL A 592 -18.22 13.84 -6.29
C VAL A 592 -17.41 12.91 -5.38
N LEU A 593 -16.25 12.45 -5.84
CA LEU A 593 -15.43 11.60 -4.99
C LEU A 593 -14.71 12.43 -3.90
N ALA A 594 -14.32 13.66 -4.22
CA ALA A 594 -13.83 14.56 -3.17
C ALA A 594 -14.92 14.96 -2.19
N ALA A 595 -16.17 15.04 -2.65
CA ALA A 595 -17.27 15.29 -1.73
C ALA A 595 -17.47 14.12 -0.77
N VAL A 596 -17.31 12.89 -1.26
CA VAL A 596 -17.36 11.72 -0.38
C VAL A 596 -16.18 11.74 0.60
N SER A 597 -15.02 12.22 0.17
CA SER A 597 -13.86 12.32 1.08
C SER A 597 -14.09 13.36 2.19
N LEU A 598 -14.66 14.52 1.85
CA LEU A 598 -14.93 15.51 2.90
C LEU A 598 -16.04 15.04 3.82
N PHE A 599 -17.02 14.27 3.29
CA PHE A 599 -18.06 13.68 4.11
C PHE A 599 -17.47 12.68 5.10
N ASP A 600 -16.48 11.90 4.65
CA ASP A 600 -15.81 10.95 5.53
C ASP A 600 -15.04 11.67 6.64
N ALA A 601 -14.36 12.77 6.29
CA ALA A 601 -13.61 13.52 7.30
C ALA A 601 -14.53 14.19 8.31
N LEU A 602 -15.66 14.74 7.84
CA LEU A 602 -16.63 15.33 8.77
C LEU A 602 -17.28 14.28 9.65
N LEU A 603 -17.51 13.07 9.14
CA LEU A 603 -18.08 12.02 9.99
C LEU A 603 -17.08 11.55 11.04
N LEU A 604 -15.79 11.50 10.69
CA LEU A 604 -14.77 11.19 11.71
C LEU A 604 -14.69 12.30 12.75
N LEU A 605 -14.88 13.56 12.34
CA LEU A 605 -14.97 14.66 13.31
C LEU A 605 -16.17 14.50 14.24
N ALA A 606 -17.31 14.11 13.69
CA ALA A 606 -18.51 13.97 14.50
C ALA A 606 -18.49 12.73 15.39
N VAL A 607 -17.62 11.76 15.13
CA VAL A 607 -17.50 10.59 15.99
C VAL A 607 -16.38 10.75 17.03
N ALA A 608 -15.16 11.09 16.58
CA ALA A 608 -14.00 11.01 17.45
C ALA A 608 -13.94 12.14 18.47
N LYS A 609 -14.30 13.37 18.06
CA LYS A 609 -14.31 14.59 18.85
C LYS A 609 -12.97 14.89 19.52
N PRO A 610 -11.93 15.31 18.76
CA PRO A 610 -10.68 15.64 19.44
C PRO A 610 -10.71 17.02 20.08
N PRO A 622 4.62 9.10 27.98
CA PRO A 622 5.46 8.36 27.04
C PRO A 622 6.27 9.29 26.13
N VAL A 623 7.57 9.43 26.42
CA VAL A 623 8.41 10.33 25.66
C VAL A 623 8.78 9.78 24.29
N GLY A 624 8.64 8.48 24.08
CA GLY A 624 8.94 7.87 22.80
C GLY A 624 10.43 7.66 22.57
N THR A 625 10.72 6.98 21.47
CA THR A 625 12.08 6.69 21.05
C THR A 625 12.35 7.28 19.67
N PRO A 626 13.54 7.84 19.44
CA PRO A 626 13.78 8.53 18.17
C PRO A 626 13.99 7.56 17.01
N ILE A 627 13.88 8.11 15.80
CA ILE A 627 14.11 7.33 14.59
C ILE A 627 15.60 7.02 14.39
N HIS A 628 16.47 7.75 15.08
CA HIS A 628 17.92 7.56 14.97
C HIS A 628 18.37 6.21 15.50
N ARG A 629 17.62 5.61 16.44
CA ARG A 629 17.99 4.33 17.04
C ARG A 629 17.02 3.19 16.74
N LEU A 630 15.89 3.47 16.08
CA LEU A 630 15.01 2.39 15.65
C LEU A 630 15.65 1.55 14.56
N MET A 631 16.39 2.18 13.65
CA MET A 631 16.94 1.46 12.51
C MET A 631 18.13 0.58 12.90
N LEU A 632 18.85 0.93 13.97
CA LEU A 632 19.98 0.12 14.39
C LEU A 632 19.54 -1.16 15.08
N ASP A 633 18.30 -1.22 15.52
CA ASP A 633 17.70 -2.47 16.02
C ASP A 633 17.60 -3.47 14.88
N PRO A 634 18.30 -4.61 14.93
CA PRO A 634 18.38 -5.49 13.74
C PRO A 634 17.07 -6.15 13.37
N TYR A 635 16.14 -6.33 14.31
CA TYR A 635 14.84 -6.89 13.96
C TYR A 635 13.99 -5.89 13.19
N ILE A 636 14.06 -4.62 13.59
CA ILE A 636 13.42 -3.55 12.81
C ILE A 636 14.05 -3.44 11.43
N ALA A 637 15.36 -3.68 11.35
CA ALA A 637 16.07 -3.60 10.07
C ALA A 637 15.67 -4.75 9.15
N VAL A 638 15.48 -5.95 9.69
CA VAL A 638 15.12 -7.06 8.81
C VAL A 638 13.66 -6.96 8.37
N VAL A 639 12.78 -6.41 9.21
CA VAL A 639 11.40 -6.17 8.77
C VAL A 639 11.36 -5.05 7.74
N ALA A 640 12.20 -4.02 7.91
CA ALA A 640 12.27 -2.93 6.95
C ALA A 640 12.83 -3.38 5.61
N GLY A 641 13.77 -4.33 5.61
CA GLY A 641 14.24 -4.88 4.35
C GLY A 641 13.20 -5.77 3.69
N ALA A 642 12.45 -6.53 4.49
CA ALA A 642 11.44 -7.44 3.94
C ALA A 642 10.30 -6.69 3.28
N LEU A 643 9.91 -5.53 3.84
CA LEU A 643 8.82 -4.76 3.23
C LEU A 643 9.21 -4.20 1.86
N THR A 644 10.44 -3.70 1.73
CA THR A 644 10.93 -3.20 0.45
C THR A 644 11.05 -4.32 -0.58
N THR A 645 11.63 -5.46 -0.17
CA THR A 645 11.85 -6.55 -1.10
C THR A 645 10.54 -7.23 -1.49
N CYS A 646 9.51 -7.20 -0.65
CA CYS A 646 8.22 -7.74 -1.06
C CYS A 646 7.36 -6.74 -1.82
N ASN A 647 7.62 -5.44 -1.70
CA ASN A 647 6.80 -4.47 -2.41
C ASN A 647 7.35 -4.11 -3.78
N ILE A 648 8.67 -4.17 -3.98
CA ILE A 648 9.30 -3.75 -5.24
C ILE A 648 8.92 -4.55 -6.50
N PRO A 649 8.44 -5.82 -6.48
CA PRO A 649 7.93 -6.38 -7.75
C PRO A 649 6.69 -5.70 -8.27
N LEU A 650 5.82 -5.18 -7.40
CA LEU A 650 4.73 -4.35 -7.88
C LEU A 650 5.15 -2.91 -8.14
N ALA A 651 6.39 -2.55 -7.81
CA ALA A 651 6.93 -1.30 -8.30
C ALA A 651 7.50 -1.42 -9.69
N PHE A 652 8.01 -2.59 -10.06
CA PHE A 652 8.59 -2.77 -11.39
C PHE A 652 7.70 -3.49 -12.39
N LEU A 653 6.59 -4.09 -11.97
CA LEU A 653 5.72 -4.77 -12.93
C LEU A 653 4.48 -3.99 -13.31
N GLU A 654 4.05 -3.02 -12.50
CA GLU A 654 2.89 -2.21 -12.89
C GLU A 654 3.16 -1.24 -14.05
N PRO A 655 4.30 -0.49 -14.13
CA PRO A 655 4.46 0.39 -15.30
C PRO A 655 4.99 -0.29 -16.56
N THR A 656 4.99 -1.61 -16.61
CA THR A 656 5.68 -2.28 -17.71
C THR A 656 4.81 -3.29 -18.45
N ILE A 657 3.94 -4.01 -17.73
CA ILE A 657 3.28 -5.20 -18.29
C ILE A 657 2.25 -4.84 -19.37
N ALA A 658 1.72 -3.62 -19.35
CA ALA A 658 0.67 -3.23 -20.29
C ALA A 658 1.21 -3.09 -21.70
N THR A 659 2.36 -2.43 -21.86
CA THR A 659 2.99 -2.34 -23.17
C THR A 659 3.72 -3.62 -23.55
N TRP A 660 3.87 -4.56 -22.63
CA TRP A 660 4.48 -5.84 -22.94
C TRP A 660 3.46 -6.86 -23.43
N MET A 661 2.19 -6.72 -23.03
CA MET A 661 1.15 -7.61 -23.52
C MET A 661 0.95 -7.50 -25.03
N LYS A 662 1.15 -6.32 -25.60
CA LYS A 662 0.97 -6.13 -27.04
C LYS A 662 2.14 -6.65 -27.86
N HIS A 663 3.23 -7.09 -27.24
CA HIS A 663 4.38 -7.60 -27.97
C HIS A 663 4.41 -9.11 -28.08
N THR A 664 3.91 -9.84 -27.08
CA THR A 664 3.96 -11.29 -27.10
C THR A 664 2.67 -11.89 -27.66
N MET A 665 1.53 -11.61 -27.04
CA MET A 665 0.26 -12.18 -27.44
C MET A 665 -0.66 -11.19 -28.15
N ALA A 666 -0.59 -9.91 -27.77
CA ALA A 666 -1.39 -8.82 -28.35
C ALA A 666 -2.89 -9.09 -28.22
N ALA A 667 -3.33 -9.14 -26.97
CA ALA A 667 -4.73 -9.31 -26.66
C ALA A 667 -5.47 -7.99 -26.87
N SER A 668 -6.80 -8.05 -26.75
CA SER A 668 -7.62 -6.86 -26.87
C SER A 668 -7.43 -5.97 -25.65
N GLU A 669 -7.91 -4.72 -25.77
CA GLU A 669 -7.66 -3.73 -24.72
C GLU A 669 -8.47 -3.99 -23.46
N TRP A 670 -9.58 -4.72 -23.55
CA TRP A 670 -10.27 -5.16 -22.34
C TRP A 670 -9.46 -6.20 -21.58
N GLU A 671 -8.72 -7.03 -22.31
CA GLU A 671 -7.90 -8.09 -21.71
C GLU A 671 -6.45 -7.66 -21.54
N MET A 672 -6.22 -6.39 -21.31
CA MET A 672 -4.88 -5.85 -21.06
C MET A 672 -4.82 -5.00 -19.81
N GLY A 673 -5.87 -4.24 -19.53
CA GLY A 673 -5.95 -3.48 -18.30
C GLY A 673 -6.70 -4.14 -17.17
N MET A 674 -7.32 -5.29 -17.44
CA MET A 674 -8.09 -6.03 -16.44
C MET A 674 -7.37 -7.27 -15.96
N ALA A 675 -6.03 -7.28 -16.01
CA ALA A 675 -5.25 -8.43 -15.58
C ALA A 675 -5.09 -8.49 -14.07
N TRP A 676 -5.22 -7.36 -13.39
CA TRP A 676 -5.11 -7.30 -11.93
C TRP A 676 -6.46 -7.41 -11.25
N LEU A 677 -7.55 -7.54 -11.99
CA LEU A 677 -8.88 -7.61 -11.40
C LEU A 677 -9.24 -9.00 -10.84
N PRO A 678 -8.95 -10.14 -11.48
CA PRO A 678 -9.15 -11.42 -10.78
C PRO A 678 -8.09 -11.74 -9.73
N ALA A 679 -7.15 -10.85 -9.46
CA ALA A 679 -6.11 -11.06 -8.45
C ALA A 679 -6.46 -10.40 -7.13
N PHE A 680 -7.75 -10.33 -6.80
CA PHE A 680 -8.23 -9.78 -5.53
C PHE A 680 -8.78 -10.83 -4.58
N VAL A 681 -9.51 -11.81 -5.08
CA VAL A 681 -10.05 -12.90 -4.26
C VAL A 681 -8.92 -13.77 -3.67
N PRO A 682 -7.83 -14.13 -4.39
CA PRO A 682 -6.73 -14.79 -3.68
C PRO A 682 -6.02 -13.91 -2.65
N HIS A 683 -6.05 -12.58 -2.80
CA HIS A 683 -5.46 -11.71 -1.77
C HIS A 683 -6.25 -11.79 -0.48
N VAL A 684 -7.57 -11.68 -0.55
CA VAL A 684 -8.38 -11.69 0.66
C VAL A 684 -8.43 -13.09 1.24
N LEU A 685 -8.33 -14.13 0.41
CA LEU A 685 -8.25 -15.48 0.97
C LEU A 685 -6.89 -15.75 1.60
N GLY A 686 -5.83 -15.10 1.12
CA GLY A 686 -4.55 -15.23 1.78
C GLY A 686 -4.49 -14.52 3.11
N VAL A 687 -5.11 -13.33 3.18
CA VAL A 687 -5.25 -12.63 4.46
C VAL A 687 -6.06 -13.44 5.45
N TYR A 688 -7.18 -14.04 4.98
CA TYR A 688 -8.03 -14.89 5.81
C TYR A 688 -7.26 -16.10 6.32
N LEU A 689 -6.46 -16.73 5.45
CA LEU A 689 -5.66 -17.89 5.84
C LEU A 689 -4.62 -17.55 6.90
N THR A 690 -3.84 -16.49 6.68
CA THR A 690 -2.79 -16.21 7.65
C THR A 690 -3.33 -15.61 8.95
N VAL A 691 -4.49 -14.96 8.95
CA VAL A 691 -5.08 -14.50 10.20
C VAL A 691 -5.64 -15.68 10.99
N ARG A 692 -6.39 -16.57 10.32
CA ARG A 692 -7.00 -17.70 11.01
C ARG A 692 -5.97 -18.71 11.50
N LEU A 693 -4.85 -18.86 10.80
CA LEU A 693 -3.82 -19.76 11.27
C LEU A 693 -2.64 -19.05 11.90
N ALA A 694 -2.77 -17.74 12.16
CA ALA A 694 -1.92 -17.08 13.14
C ALA A 694 -2.62 -16.95 14.48
N ALA A 695 -3.95 -17.08 14.51
CA ALA A 695 -4.64 -17.21 15.79
C ALA A 695 -4.34 -18.54 16.46
N ARG A 696 -4.06 -19.58 15.68
CA ARG A 696 -3.71 -20.88 16.23
C ARG A 696 -2.26 -20.91 16.71
N TYR A 697 -1.32 -20.71 15.79
CA TYR A 697 0.10 -20.68 16.13
C TYR A 697 0.53 -19.23 16.32
N PRO A 698 1.02 -18.85 17.49
CA PRO A 698 1.34 -17.43 17.71
C PRO A 698 2.75 -17.06 17.28
N HIS A 699 3.62 -18.05 17.13
CA HIS A 699 5.06 -17.83 16.95
C HIS A 699 5.55 -18.35 15.60
N LEU A 700 4.69 -18.35 14.58
CA LEU A 700 5.04 -18.89 13.28
C LEU A 700 4.92 -17.83 12.19
N GLN A 701 4.81 -16.55 12.58
CA GLN A 701 4.65 -15.46 11.64
C GLN A 701 5.89 -15.26 10.77
N TRP A 702 7.07 -15.61 11.29
CA TRP A 702 8.28 -15.58 10.46
C TRP A 702 8.20 -16.60 9.34
N LEU A 703 7.62 -17.77 9.60
CA LEU A 703 7.50 -18.76 8.54
C LEU A 703 6.35 -18.43 7.60
N TYR A 704 5.34 -17.71 8.08
CA TYR A 704 4.34 -17.18 7.15
C TYR A 704 4.95 -16.12 6.22
N GLY A 705 5.86 -15.31 6.74
CA GLY A 705 6.57 -14.35 5.89
C GLY A 705 7.47 -15.02 4.86
N ALA A 706 8.19 -16.06 5.27
CA ALA A 706 9.03 -16.80 4.32
C ALA A 706 8.20 -17.53 3.28
N LEU A 707 7.05 -18.07 3.67
CA LEU A 707 6.18 -18.74 2.71
C LEU A 707 5.52 -17.73 1.77
N GLY A 708 5.31 -16.50 2.23
CA GLY A 708 4.85 -15.46 1.31
C GLY A 708 5.90 -15.06 0.30
N LEU A 709 7.14 -14.88 0.76
CA LEU A 709 8.23 -14.57 -0.17
C LEU A 709 8.52 -15.69 -1.15
N ALA A 710 8.20 -16.95 -0.79
CA ALA A 710 8.32 -18.08 -1.70
C ALA A 710 7.47 -17.90 -2.94
N VAL A 711 6.17 -17.65 -2.76
CA VAL A 711 5.30 -17.48 -3.92
C VAL A 711 5.51 -16.13 -4.60
N ILE A 712 6.02 -15.11 -3.87
CA ILE A 712 6.43 -13.87 -4.53
C ILE A 712 7.53 -14.13 -5.55
N GLY A 713 8.58 -14.85 -5.13
CA GLY A 713 9.67 -15.15 -6.04
C GLY A 713 9.26 -16.09 -7.15
N ALA A 714 8.39 -17.06 -6.85
CA ALA A 714 7.95 -17.99 -7.88
C ALA A 714 7.10 -17.30 -8.94
N SER A 715 6.21 -16.39 -8.52
CA SER A 715 5.40 -15.67 -9.49
C SER A 715 6.23 -14.68 -10.31
N SER A 716 7.17 -13.98 -9.67
CA SER A 716 8.02 -13.06 -10.41
C SER A 716 9.00 -13.78 -11.33
N CYS A 717 9.26 -15.07 -11.09
CA CYS A 717 10.01 -15.86 -12.06
C CYS A 717 9.11 -16.40 -13.17
N ILE A 718 7.84 -16.69 -12.88
CA ILE A 718 7.01 -17.43 -13.81
C ILE A 718 6.14 -16.53 -14.70
N VAL A 719 6.10 -15.21 -14.45
CA VAL A 719 5.31 -14.30 -15.30
C VAL A 719 5.69 -14.33 -16.79
N PRO A 720 6.97 -14.18 -17.20
CA PRO A 720 7.24 -14.14 -18.65
C PRO A 720 7.07 -15.46 -19.37
N ALA A 721 7.04 -16.59 -18.66
CA ALA A 721 6.78 -17.86 -19.33
C ALA A 721 5.32 -17.97 -19.74
N CYS A 722 4.42 -17.23 -19.08
CA CYS A 722 3.00 -17.30 -19.36
C CYS A 722 2.67 -16.60 -20.67
N ARG A 723 2.58 -17.36 -21.76
CA ARG A 723 2.38 -16.75 -23.06
C ARG A 723 0.92 -16.38 -23.30
N SER A 724 -0.01 -17.26 -22.93
CA SER A 724 -1.42 -16.94 -23.08
C SER A 724 -1.88 -16.04 -21.93
N PHE A 725 -3.17 -15.69 -21.93
CA PHE A 725 -3.68 -14.69 -21.01
C PHE A 725 -4.09 -15.26 -19.66
N ALA A 726 -4.75 -16.42 -19.62
CA ALA A 726 -5.09 -17.05 -18.35
C ALA A 726 -3.89 -17.47 -17.50
N PRO A 727 -2.78 -18.03 -18.03
CA PRO A 727 -1.61 -18.21 -17.15
C PRO A 727 -1.00 -16.89 -16.67
N LEU A 728 -1.06 -15.83 -17.47
CA LEU A 728 -0.55 -14.54 -17.01
C LEU A 728 -1.49 -13.90 -16.00
N VAL A 729 -2.75 -14.34 -15.93
CA VAL A 729 -3.63 -13.91 -14.83
C VAL A 729 -3.34 -14.73 -13.57
N VAL A 730 -3.09 -16.03 -13.70
CA VAL A 730 -2.90 -16.84 -12.50
C VAL A 730 -1.53 -16.56 -11.88
N SER A 731 -0.55 -16.13 -12.68
CA SER A 731 0.73 -15.71 -12.11
C SER A 731 0.58 -14.44 -11.29
N LEU A 732 -0.26 -13.50 -11.76
CA LEU A 732 -0.50 -12.29 -11.01
C LEU A 732 -1.36 -12.54 -9.77
N CYS A 733 -2.23 -13.54 -9.79
CA CYS A 733 -2.98 -13.82 -8.57
C CYS A 733 -2.11 -14.51 -7.52
N GLY A 734 -1.13 -15.31 -7.95
CA GLY A 734 -0.13 -15.79 -7.00
C GLY A 734 0.74 -14.67 -6.45
N LEU A 735 1.11 -13.71 -7.32
CA LEU A 735 1.90 -12.56 -6.89
C LEU A 735 1.12 -11.67 -5.92
N CYS A 736 -0.20 -11.59 -6.05
CA CYS A 736 -1.00 -10.84 -5.08
C CYS A 736 -1.33 -11.65 -3.83
N PHE A 737 -1.27 -12.98 -3.91
CA PHE A 737 -1.38 -13.83 -2.73
C PHE A 737 -0.17 -13.64 -1.81
N GLY A 738 1.02 -13.54 -2.40
CA GLY A 738 2.24 -13.46 -1.61
C GLY A 738 2.36 -12.17 -0.79
N ILE A 739 1.97 -11.04 -1.38
CA ILE A 739 2.00 -9.77 -0.66
C ILE A 739 1.01 -9.78 0.49
N ALA A 740 -0.13 -10.45 0.32
CA ALA A 740 -1.10 -10.61 1.41
C ALA A 740 -0.48 -11.37 2.58
N LEU A 741 0.19 -12.49 2.28
CA LEU A 741 0.85 -13.27 3.33
C LEU A 741 1.93 -12.47 4.04
N VAL A 742 2.80 -11.78 3.29
CA VAL A 742 3.93 -11.08 3.89
C VAL A 742 3.46 -9.88 4.71
N ASP A 743 2.62 -9.03 4.12
CA ASP A 743 2.19 -7.82 4.80
C ASP A 743 1.10 -8.04 5.83
N THR A 744 0.55 -9.26 5.95
CA THR A 744 -0.23 -9.56 7.14
C THR A 744 0.60 -10.26 8.21
N ALA A 745 1.68 -10.96 7.83
CA ALA A 745 2.51 -11.60 8.83
C ALA A 745 3.45 -10.62 9.51
N LEU A 746 3.86 -9.53 8.85
CA LEU A 746 4.91 -8.69 9.40
C LEU A 746 4.45 -7.35 9.96
N LEU A 747 3.19 -6.94 9.73
CA LEU A 747 2.77 -5.68 10.34
C LEU A 747 2.35 -5.81 11.81
N PRO A 748 1.62 -6.83 12.27
CA PRO A 748 1.48 -6.98 13.73
C PRO A 748 2.75 -7.41 14.42
N THR A 749 3.66 -8.08 13.71
CA THR A 749 4.96 -8.46 14.28
C THR A 749 5.78 -7.23 14.63
N LEU A 750 5.66 -6.18 13.82
CA LEU A 750 6.41 -4.95 14.07
C LEU A 750 5.88 -4.21 15.29
N ALA A 751 4.56 -4.24 15.50
CA ALA A 751 3.98 -3.61 16.67
C ALA A 751 4.27 -4.40 17.94
N PHE A 752 4.23 -5.74 17.86
CA PHE A 752 4.65 -6.58 19.00
C PHE A 752 6.11 -6.38 19.32
N LEU A 753 6.94 -6.15 18.30
CA LEU A 753 8.38 -5.98 18.50
C LEU A 753 8.70 -4.64 19.15
N VAL A 754 8.07 -3.56 18.70
CA VAL A 754 8.25 -2.27 19.36
C VAL A 754 7.56 -2.24 20.71
N ASP A 755 6.60 -3.15 20.96
CA ASP A 755 6.05 -3.30 22.30
C ASP A 755 7.05 -3.94 23.25
N VAL A 756 7.51 -5.16 22.93
CA VAL A 756 8.31 -5.93 23.88
C VAL A 756 9.79 -5.59 23.85
N ARG A 757 10.24 -4.68 22.99
CA ARG A 757 11.64 -4.31 22.98
C ARG A 757 11.89 -2.83 23.21
N HIS A 758 10.95 -1.95 22.82
CA HIS A 758 11.07 -0.52 23.10
C HIS A 758 9.82 -0.01 23.83
N VAL A 759 9.69 1.31 23.97
CA VAL A 759 8.51 1.87 24.59
C VAL A 759 7.34 1.79 23.61
N SER A 760 6.12 1.85 24.14
CA SER A 760 4.92 1.56 23.35
C SER A 760 4.39 2.83 22.68
N VAL A 761 5.11 3.27 21.65
CA VAL A 761 4.66 4.31 20.73
C VAL A 761 4.68 3.73 19.32
N TYR A 762 3.81 4.25 18.45
CA TYR A 762 3.58 3.62 17.17
C TYR A 762 3.64 4.60 16.00
N GLY A 763 4.37 5.70 16.13
CA GLY A 763 4.51 6.62 15.02
C GLY A 763 5.78 6.38 14.23
N SER A 764 6.91 6.30 14.93
CA SER A 764 8.21 6.22 14.27
C SER A 764 8.42 4.88 13.59
N VAL A 765 7.90 3.80 14.15
CA VAL A 765 8.19 2.50 13.55
C VAL A 765 7.34 2.27 12.30
N TYR A 766 6.12 2.80 12.25
CA TYR A 766 5.39 2.77 11.00
C TYR A 766 5.86 3.84 10.03
N ALA A 767 6.56 4.88 10.52
CA ALA A 767 7.27 5.76 9.60
C ALA A 767 8.42 5.02 8.93
N ILE A 768 9.12 4.17 9.69
CA ILE A 768 10.13 3.27 9.10
C ILE A 768 9.51 2.33 8.08
N ALA A 769 8.32 1.82 8.39
CA ALA A 769 7.59 0.97 7.45
C ALA A 769 7.24 1.71 6.16
N ASP A 770 6.83 2.98 6.27
CA ASP A 770 6.49 3.74 5.07
C ASP A 770 7.71 4.16 4.26
N ILE A 771 8.86 4.39 4.92
CA ILE A 771 10.11 4.55 4.19
C ILE A 771 10.43 3.28 3.40
N SER A 772 10.19 2.12 4.02
CA SER A 772 10.44 0.84 3.37
C SER A 772 9.49 0.59 2.20
N TYR A 773 8.25 1.07 2.29
CA TYR A 773 7.36 0.99 1.13
C TYR A 773 7.81 1.96 0.04
N SER A 774 8.09 3.21 0.40
CA SER A 774 8.26 4.28 -0.57
C SER A 774 9.60 4.24 -1.29
N VAL A 775 10.61 3.57 -0.74
CA VAL A 775 11.89 3.48 -1.43
C VAL A 775 11.84 2.60 -2.67
N ALA A 776 10.80 1.77 -2.81
CA ALA A 776 10.56 1.02 -4.03
C ALA A 776 9.78 1.82 -5.06
N TYR A 777 8.77 2.57 -4.63
CA TYR A 777 7.92 3.33 -5.53
C TYR A 777 8.58 4.62 -5.99
N ALA A 778 9.60 5.11 -5.29
CA ALA A 778 10.36 6.24 -5.76
C ALA A 778 11.47 5.86 -6.72
N LEU A 779 11.67 4.56 -6.94
CA LEU A 779 12.72 4.09 -7.84
C LEU A 779 12.19 3.27 -9.00
N GLY A 780 11.00 2.69 -8.90
CA GLY A 780 10.40 1.94 -9.98
C GLY A 780 10.09 2.72 -11.25
N PRO A 781 9.14 3.67 -11.18
CA PRO A 781 8.70 4.36 -12.40
C PRO A 781 9.68 5.36 -13.01
N ILE A 782 10.93 5.40 -12.54
CA ILE A 782 11.97 6.19 -13.17
C ILE A 782 12.87 5.32 -14.04
N VAL A 783 13.21 4.12 -13.57
CA VAL A 783 14.22 3.29 -14.21
C VAL A 783 13.63 2.02 -14.84
N ALA A 784 12.35 1.73 -14.61
CA ALA A 784 11.76 0.47 -15.06
C ALA A 784 11.72 0.37 -16.59
N GLY A 785 11.13 1.36 -17.25
CA GLY A 785 11.05 1.35 -18.70
C GLY A 785 12.41 1.46 -19.36
N HIS A 786 13.36 2.16 -18.74
CA HIS A 786 14.67 2.27 -19.34
C HIS A 786 15.47 0.99 -19.23
N ILE A 787 15.33 0.23 -18.14
CA ILE A 787 16.05 -1.05 -18.09
C ILE A 787 15.31 -2.16 -18.81
N VAL A 788 14.03 -1.96 -19.14
CA VAL A 788 13.40 -2.86 -20.11
C VAL A 788 13.87 -2.55 -21.52
N HIS A 789 13.99 -1.26 -21.87
CA HIS A 789 14.45 -0.87 -23.20
C HIS A 789 15.93 -1.17 -23.40
N SER A 790 16.71 -1.23 -22.31
CA SER A 790 18.14 -1.48 -22.45
C SER A 790 18.44 -2.98 -22.60
N LEU A 791 17.88 -3.81 -21.71
CA LEU A 791 18.18 -5.22 -21.68
C LEU A 791 16.99 -6.10 -22.05
N GLY A 792 15.90 -5.97 -21.32
CA GLY A 792 14.74 -6.80 -21.58
C GLY A 792 13.89 -6.98 -20.34
N PHE A 793 12.70 -7.55 -20.55
CA PHE A 793 11.74 -7.73 -19.47
C PHE A 793 11.99 -9.02 -18.69
N GLU A 794 12.39 -10.09 -19.39
CA GLU A 794 12.64 -11.36 -18.72
C GLU A 794 13.85 -11.29 -17.79
N GLN A 795 14.82 -10.43 -18.11
CA GLN A 795 15.97 -10.28 -17.22
C GLN A 795 15.58 -9.56 -15.94
N LEU A 796 14.70 -8.55 -16.04
CA LEU A 796 14.15 -7.88 -14.87
C LEU A 796 13.40 -8.87 -13.98
N SER A 797 12.55 -9.70 -14.60
CA SER A 797 11.75 -10.65 -13.84
C SER A 797 12.62 -11.70 -13.16
N LEU A 798 13.61 -12.24 -13.88
CA LEU A 798 14.50 -13.23 -13.28
C LEU A 798 15.39 -12.63 -12.21
N GLY A 799 15.80 -11.36 -12.36
CA GLY A 799 16.57 -10.72 -11.30
C GLY A 799 15.77 -10.48 -10.05
N MET A 800 14.51 -10.07 -10.19
CA MET A 800 13.71 -9.85 -8.99
C MET A 800 13.31 -11.16 -8.31
N GLY A 801 13.03 -12.20 -9.11
CA GLY A 801 12.80 -13.51 -8.53
C GLY A 801 14.03 -14.08 -7.86
N LEU A 802 15.21 -13.81 -8.42
CA LEU A 802 16.46 -14.18 -7.78
C LEU A 802 16.65 -13.47 -6.45
N ALA A 803 16.26 -12.20 -6.37
CA ALA A 803 16.34 -11.47 -5.11
C ALA A 803 15.38 -12.02 -4.05
N ASN A 804 14.15 -12.34 -4.47
CA ASN A 804 13.19 -12.86 -3.51
C ASN A 804 13.50 -14.29 -3.08
N LEU A 805 14.16 -15.09 -3.93
CA LEU A 805 14.60 -16.40 -3.49
C LEU A 805 15.88 -16.34 -2.66
N LEU A 806 16.74 -15.34 -2.88
CA LEU A 806 17.93 -15.20 -2.06
C LEU A 806 17.70 -14.39 -0.80
N TYR A 807 16.49 -13.87 -0.57
CA TYR A 807 16.15 -13.24 0.70
C TYR A 807 15.61 -14.26 1.71
N ALA A 808 16.01 -15.51 1.60
CA ALA A 808 15.64 -16.55 2.57
C ALA A 808 16.52 -16.59 3.84
N PRO A 809 17.87 -16.55 3.80
CA PRO A 809 18.61 -16.64 5.07
C PRO A 809 18.51 -15.40 5.94
N VAL A 810 18.02 -14.28 5.39
CA VAL A 810 17.95 -13.05 6.15
C VAL A 810 16.76 -13.08 7.11
N LEU A 811 15.69 -13.78 6.76
CA LEU A 811 14.49 -13.83 7.58
C LEU A 811 14.55 -14.97 8.61
N LEU A 812 15.69 -15.66 8.72
CA LEU A 812 15.89 -16.62 9.80
C LEU A 812 16.28 -15.96 11.11
N LEU A 813 16.37 -14.63 11.15
CA LEU A 813 16.70 -13.89 12.37
C LEU A 813 15.52 -13.77 13.32
N LEU A 814 14.31 -14.18 12.91
CA LEU A 814 13.10 -13.98 13.69
C LEU A 814 12.66 -15.25 14.41
N ARG A 815 13.61 -16.03 14.92
CA ARG A 815 13.33 -17.18 15.78
C ARG A 815 13.33 -16.81 17.25
N ASN A 816 13.30 -15.52 17.59
CA ASN A 816 13.43 -15.08 18.96
C ASN A 816 12.32 -14.14 19.40
N VAL A 817 11.39 -13.77 18.51
CA VAL A 817 10.34 -12.85 18.92
C VAL A 817 9.29 -13.53 19.80
N GLY A 818 9.22 -14.86 19.79
CA GLY A 818 8.31 -15.56 20.68
C GLY A 818 8.82 -15.74 22.09
N LEU A 819 10.12 -15.51 22.31
CA LEU A 819 10.71 -15.64 23.63
C LEU A 819 10.33 -14.44 24.49
#